data_5KM8
#
_entry.id   5KM8
#
_cell.length_a   37.990
_cell.length_b   73.852
_cell.length_c   77.464
_cell.angle_alpha   90.000
_cell.angle_beta   90.000
_cell.angle_gamma   90.000
#
_symmetry.space_group_name_H-M   'P 21 21 21'
#
loop_
_entity.id
_entity.type
_entity.pdbx_description
1 polymer 'Histidine triad nucleotide-binding protein 2, mitochondrial'
2 non-polymer 'CHLORIDE ION'
3 non-polymer 'DIMETHYL SULFOXIDE'
4 non-polymer '({[(2S)-1-(4-amino-2-oxopyrimidin-1(2H)-yl)-3-hydroxypropan-2-yl]oxy}methyl)phosphonic acid'
5 non-polymer 1,2-ETHANEDIOL
6 non-polymer GLYCEROL
7 water water
#
_entity_poly.entity_id   1
_entity_poly.type   'polypeptide(L)'
_entity_poly.pdbx_seq_one_letter_code
;SNAMGQVRGAAGVTDGNEVAKAQQATPGGAAPTIFSRILDKSLPADILYEDQQCLVFRDVAPQAPVHFLVIPKKPIPRIS
QAEEEDQQLLGHLLLVAKQTAKAEGLGDGYRLVINDGKLGAQSVYHLHIHVLGGRQLQWPPG
;
_entity_poly.pdbx_strand_id   A,B
#
# COMPACT_ATOMS: atom_id res chain seq x y z
N LYS A 41 -1.24 -18.00 19.73
CA LYS A 41 0.13 -18.16 20.22
C LYS A 41 1.04 -18.62 19.08
N SER A 42 1.97 -17.75 18.70
CA SER A 42 2.79 -18.00 17.53
C SER A 42 4.10 -18.72 17.87
N LEU A 43 4.73 -19.29 16.85
CA LEU A 43 5.98 -20.02 16.99
C LEU A 43 7.06 -19.26 16.23
N PRO A 44 8.34 -19.55 16.52
CA PRO A 44 9.43 -18.84 15.81
C PRO A 44 9.32 -19.02 14.29
N ALA A 45 8.75 -20.13 13.85
CA ALA A 45 8.57 -20.37 12.42
C ALA A 45 7.54 -19.43 11.81
N ASP A 46 6.76 -18.75 12.66
CA ASP A 46 5.79 -17.78 12.13
C ASP A 46 6.50 -16.53 11.66
N ILE A 47 7.78 -16.41 11.98
CA ILE A 47 8.60 -15.37 11.39
C ILE A 47 9.13 -15.85 10.05
N LEU A 48 8.61 -15.26 8.97
CA LEU A 48 8.87 -15.72 7.61
C LEU A 48 10.17 -15.16 7.07
N TYR A 49 10.59 -14.03 7.61
CA TYR A 49 11.77 -13.33 7.10
C TYR A 49 12.24 -12.33 8.14
N GLU A 50 13.56 -12.13 8.21
CA GLU A 50 14.13 -11.11 9.07
C GLU A 50 15.44 -10.62 8.47
N ASP A 51 15.68 -9.31 8.53
CA ASP A 51 17.00 -8.75 8.26
C ASP A 51 17.25 -7.61 9.23
N GLN A 52 18.32 -6.85 9.00
CA GLN A 52 18.68 -5.76 9.90
C GLN A 52 17.60 -4.69 9.98
N GLN A 53 16.72 -4.65 8.99
CA GLN A 53 15.78 -3.54 8.87
C GLN A 53 14.33 -3.87 9.20
N CYS A 54 13.95 -5.16 9.12
CA CYS A 54 12.54 -5.51 9.25
C CYS A 54 12.30 -6.95 9.67
N LEU A 55 11.06 -7.22 10.05
CA LEU A 55 10.59 -8.54 10.43
C LEU A 55 9.32 -8.84 9.66
N VAL A 56 9.15 -10.08 9.24
CA VAL A 56 7.92 -10.50 8.59
C VAL A 56 7.31 -11.67 9.34
N PHE A 57 6.04 -11.56 9.74
CA PHE A 57 5.44 -12.64 10.52
C PHE A 57 3.97 -12.83 10.21
N ARG A 58 3.48 -14.04 10.44
CA ARG A 58 2.09 -14.38 10.13
C ARG A 58 1.15 -13.68 11.08
N ASP A 59 -0.04 -13.35 10.59
CA ASP A 59 -1.06 -12.74 11.42
C ASP A 59 -1.84 -13.85 12.15
N VAL A 60 -1.88 -13.79 13.48
CA VAL A 60 -2.54 -14.84 14.26
C VAL A 60 -4.07 -14.72 14.17
N ALA A 61 -4.55 -13.65 13.54
CA ALA A 61 -5.97 -13.52 13.26
C ALA A 61 -6.21 -13.29 11.77
N PRO A 62 -5.86 -14.29 10.93
CA PRO A 62 -5.81 -14.11 9.48
C PRO A 62 -7.16 -13.81 8.84
N GLN A 63 -7.16 -12.86 7.91
CA GLN A 63 -8.38 -12.45 7.23
C GLN A 63 -8.46 -13.08 5.85
N ALA A 64 -7.47 -13.91 5.54
CA ALA A 64 -7.39 -14.61 4.27
C ALA A 64 -6.55 -15.87 4.47
N PRO A 65 -6.65 -16.83 3.53
CA PRO A 65 -5.85 -18.05 3.66
C PRO A 65 -4.36 -17.77 3.82
N VAL A 66 -3.86 -16.70 3.21
CA VAL A 66 -2.53 -16.23 3.53
C VAL A 66 -2.63 -14.79 4.03
N HIS A 67 -2.04 -14.52 5.20
CA HIS A 67 -2.09 -13.19 5.78
C HIS A 67 -0.87 -13.00 6.66
N PHE A 68 0.09 -12.20 6.18
CA PHE A 68 1.26 -11.91 7.01
C PHE A 68 1.52 -10.40 7.12
N LEU A 69 2.53 -10.07 7.91
CA LEU A 69 2.74 -8.72 8.39
C LEU A 69 4.21 -8.32 8.22
N VAL A 70 4.47 -7.18 7.61
CA VAL A 70 5.83 -6.68 7.49
C VAL A 70 5.97 -5.47 8.39
N ILE A 71 6.93 -5.50 9.32
CA ILE A 71 7.17 -4.35 10.20
C ILE A 71 8.63 -3.94 10.16
N PRO A 72 8.91 -2.63 10.28
CA PRO A 72 10.28 -2.17 10.46
C PRO A 72 10.76 -2.44 11.89
N LYS A 73 12.07 -2.64 12.07
CA LYS A 73 12.62 -2.76 13.41
C LYS A 73 12.64 -1.38 14.07
N LYS A 74 12.89 -0.33 13.28
CA LYS A 74 12.72 1.03 13.75
C LYS A 74 11.25 1.27 14.05
N PRO A 75 10.95 1.74 15.27
CA PRO A 75 9.55 1.79 15.72
C PRO A 75 8.76 3.00 15.23
N ILE A 76 8.69 3.18 13.92
CA ILE A 76 7.77 4.14 13.34
C ILE A 76 6.38 3.76 13.81
N PRO A 77 5.70 4.67 14.53
CA PRO A 77 4.44 4.28 15.18
C PRO A 77 3.27 4.22 14.21
N ARG A 78 3.37 4.93 13.10
CA ARG A 78 2.31 4.97 12.10
C ARG A 78 2.85 5.67 10.86
N ILE A 79 2.26 5.36 9.72
CA ILE A 79 2.80 5.83 8.45
C ILE A 79 2.75 7.37 8.40
N SER A 80 1.76 7.96 9.06
CA SER A 80 1.64 9.42 9.06
C SER A 80 2.78 10.07 9.84
N GLN A 81 3.53 9.27 10.60
CA GLN A 81 4.68 9.81 11.34
C GLN A 81 6.01 9.37 10.75
N ALA A 82 5.98 8.75 9.57
CA ALA A 82 7.20 8.46 8.85
C ALA A 82 7.81 9.78 8.37
N GLU A 83 9.13 9.83 8.25
CA GLU A 83 9.77 11.06 7.81
C GLU A 83 10.64 10.80 6.59
N GLU A 84 11.18 11.85 6.00
CA GLU A 84 11.86 11.72 4.73
C GLU A 84 13.09 10.82 4.86
N GLU A 85 13.66 10.76 6.06
CA GLU A 85 14.82 9.90 6.32
C GLU A 85 14.46 8.41 6.24
N ASP A 86 13.16 8.10 6.29
CA ASP A 86 12.68 6.72 6.22
C ASP A 86 12.43 6.23 4.79
N GLN A 87 12.69 7.07 3.80
CA GLN A 87 12.35 6.73 2.41
C GLN A 87 12.89 5.37 1.97
N GLN A 88 14.18 5.13 2.15
CA GLN A 88 14.74 3.86 1.69
C GLN A 88 14.19 2.67 2.47
N LEU A 89 13.94 2.86 3.76
CA LEU A 89 13.36 1.82 4.60
C LEU A 89 11.95 1.46 4.13
N LEU A 90 11.13 2.48 3.92
CA LEU A 90 9.77 2.26 3.42
C LEU A 90 9.79 1.50 2.11
N GLY A 91 10.71 1.86 1.22
CA GLY A 91 10.86 1.17 -0.05
C GLY A 91 11.22 -0.30 0.16
N HIS A 92 12.13 -0.53 1.10
CA HIS A 92 12.58 -1.88 1.41
C HIS A 92 11.44 -2.76 1.94
N LEU A 93 10.59 -2.19 2.79
CA LEU A 93 9.44 -2.92 3.33
C LEU A 93 8.48 -3.39 2.23
N LEU A 94 8.23 -2.53 1.24
CA LEU A 94 7.36 -2.95 0.14
C LEU A 94 8.00 -4.06 -0.68
N LEU A 95 9.30 -3.95 -0.94
CA LEU A 95 10.02 -4.97 -1.69
C LEU A 95 10.02 -6.30 -0.95
N VAL A 96 10.27 -6.25 0.35
CA VAL A 96 10.20 -7.44 1.18
C VAL A 96 8.79 -8.05 1.13
N ALA A 97 7.77 -7.22 1.21
CA ALA A 97 6.39 -7.72 1.13
C ALA A 97 6.11 -8.50 -0.17
N LYS A 98 6.53 -7.94 -1.31
CA LYS A 98 6.28 -8.59 -2.56
C LYS A 98 7.14 -9.82 -2.73
N GLN A 99 8.38 -9.79 -2.25
CA GLN A 99 9.21 -10.99 -2.32
C GLN A 99 8.60 -12.10 -1.50
N THR A 100 8.10 -11.76 -0.32
CA THR A 100 7.46 -12.75 0.56
C THR A 100 6.15 -13.27 -0.02
N ALA A 101 5.41 -12.40 -0.71
CA ALA A 101 4.16 -12.82 -1.37
C ALA A 101 4.41 -13.89 -2.43
N LYS A 102 5.52 -13.73 -3.15
CA LYS A 102 5.95 -14.72 -4.12
C LYS A 102 6.32 -16.03 -3.43
N ALA A 103 7.12 -15.91 -2.37
CA ALA A 103 7.54 -17.06 -1.58
C ALA A 103 6.35 -17.81 -0.99
N GLU A 104 5.26 -17.10 -0.70
CA GLU A 104 4.09 -17.75 -0.13
C GLU A 104 3.06 -18.14 -1.21
N GLY A 105 3.43 -18.04 -2.48
CA GLY A 105 2.59 -18.53 -3.57
C GLY A 105 1.39 -17.67 -3.91
N LEU A 106 1.55 -16.35 -3.81
CA LEU A 106 0.44 -15.44 -4.05
C LEU A 106 0.41 -14.96 -5.50
N GLY A 107 0.81 -15.84 -6.42
CA GLY A 107 0.90 -15.49 -7.84
C GLY A 107 -0.41 -15.07 -8.51
N ASP A 108 -1.54 -15.57 -8.03
CA ASP A 108 -2.82 -15.18 -8.61
C ASP A 108 -3.29 -13.81 -8.09
N GLY A 109 -2.52 -13.25 -7.15
CA GLY A 109 -2.78 -11.90 -6.70
C GLY A 109 -2.84 -11.74 -5.19
N TYR A 110 -2.79 -10.50 -4.73
CA TYR A 110 -2.84 -10.21 -3.31
C TYR A 110 -3.06 -8.73 -3.06
N ARG A 111 -3.25 -8.38 -1.79
CA ARG A 111 -3.50 -6.98 -1.41
C ARG A 111 -2.55 -6.56 -0.29
N LEU A 112 -2.00 -5.36 -0.42
CA LEU A 112 -1.15 -4.77 0.60
C LEU A 112 -1.96 -3.69 1.29
N VAL A 113 -1.93 -3.66 2.62
CA VAL A 113 -2.72 -2.71 3.37
C VAL A 113 -1.90 -2.06 4.49
N ILE A 114 -1.96 -0.74 4.61
CA ILE A 114 -1.37 -0.03 5.76
C ILE A 114 -2.48 0.81 6.37
N ASN A 115 -2.71 0.58 7.67
CA ASN A 115 -3.73 1.28 8.43
C ASN A 115 -3.11 2.42 9.23
N ASP A 116 -3.74 3.59 9.21
CA ASP A 116 -3.28 4.68 10.06
C ASP A 116 -4.41 5.16 10.94
N GLY A 117 -4.15 5.25 12.25
CA GLY A 117 -5.07 5.88 13.19
C GLY A 117 -6.38 5.14 13.37
N LYS A 118 -7.30 5.79 14.09
CA LYS A 118 -8.56 5.18 14.42
C LYS A 118 -9.38 4.83 13.17
N LEU A 119 -9.51 5.77 12.24
CA LEU A 119 -10.34 5.52 11.04
C LEU A 119 -9.72 4.49 10.10
N GLY A 120 -8.42 4.29 10.18
CA GLY A 120 -7.77 3.25 9.41
C GLY A 120 -7.92 1.88 10.07
N ALA A 121 -8.41 1.89 11.30
CA ALA A 121 -8.54 0.69 12.13
C ALA A 121 -7.17 0.15 12.55
N GLN A 122 -6.19 1.03 12.72
CA GLN A 122 -4.89 0.64 13.23
C GLN A 122 -5.02 0.16 14.67
N SER A 123 -4.56 -1.05 14.95
CA SER A 123 -4.73 -1.65 16.28
C SER A 123 -3.48 -1.59 17.16
N VAL A 124 -2.31 -1.51 16.54
CA VAL A 124 -1.03 -1.43 17.25
C VAL A 124 -0.28 -0.21 16.70
N TYR A 125 0.26 0.62 17.58
CA TYR A 125 0.95 1.81 17.08
C TYR A 125 2.41 1.53 16.82
N HIS A 126 2.61 0.63 15.87
CA HIS A 126 3.89 0.34 15.25
C HIS A 126 3.54 0.12 13.79
N LEU A 127 4.38 0.54 12.87
CA LEU A 127 4.02 0.41 11.44
C LEU A 127 3.92 -1.06 11.02
N HIS A 128 2.79 -1.42 10.40
CA HIS A 128 2.53 -2.76 9.86
C HIS A 128 2.09 -2.65 8.41
N ILE A 129 2.72 -3.41 7.53
CA ILE A 129 2.14 -3.66 6.21
C ILE A 129 1.51 -5.05 6.17
N HIS A 130 0.20 -5.09 6.00
CA HIS A 130 -0.54 -6.32 5.82
C HIS A 130 -0.41 -6.84 4.39
N VAL A 131 -0.23 -8.14 4.24
CA VAL A 131 -0.28 -8.77 2.92
C VAL A 131 -1.31 -9.90 2.98
N LEU A 132 -2.34 -9.82 2.15
CA LEU A 132 -3.42 -10.81 2.15
C LEU A 132 -3.55 -11.43 0.78
N GLY A 133 -3.77 -12.75 0.73
CA GLY A 133 -3.96 -13.43 -0.54
C GLY A 133 -4.58 -14.81 -0.35
N GLY A 134 -4.74 -15.55 -1.45
CA GLY A 134 -5.26 -16.91 -1.36
C GLY A 134 -6.78 -16.97 -1.39
N ARG A 135 -7.42 -15.81 -1.46
CA ARG A 135 -8.83 -15.74 -1.74
C ARG A 135 -9.10 -14.50 -2.58
N GLN A 136 -10.31 -14.40 -3.13
CA GLN A 136 -10.70 -13.18 -3.85
C GLN A 136 -10.97 -12.04 -2.88
N LEU A 137 -10.10 -11.05 -2.86
CA LEU A 137 -10.33 -9.86 -2.03
C LEU A 137 -11.40 -8.99 -2.65
N GLN A 138 -12.18 -8.32 -1.82
CA GLN A 138 -13.34 -7.59 -2.31
C GLN A 138 -13.04 -6.10 -2.50
N TRP A 139 -14.01 -5.38 -3.04
CA TRP A 139 -13.92 -3.93 -3.15
C TRP A 139 -15.26 -3.32 -2.75
N PRO A 140 -15.25 -2.28 -1.89
CA PRO A 140 -14.12 -1.51 -1.33
C PRO A 140 -13.26 -2.31 -0.34
N PRO A 141 -12.04 -1.84 -0.07
CA PRO A 141 -11.15 -2.56 0.83
C PRO A 141 -11.41 -2.19 2.29
N GLY A 142 -12.60 -2.55 2.78
CA GLY A 142 -13.06 -2.06 4.07
C GLY A 142 -13.70 -0.71 3.89
N ALA B 31 -1.56 -2.04 -24.06
CA ALA B 31 -0.44 -1.77 -23.17
C ALA B 31 -0.66 -0.50 -22.32
N PRO B 32 -0.91 0.67 -22.96
CA PRO B 32 -1.10 1.79 -22.04
C PRO B 32 -2.49 1.76 -21.41
N THR B 33 -2.54 1.85 -20.08
CA THR B 33 -3.79 1.99 -19.35
C THR B 33 -4.34 3.41 -19.48
N ILE B 34 -5.53 3.64 -18.92
CA ILE B 34 -6.10 4.98 -18.87
C ILE B 34 -5.18 5.94 -18.08
N PHE B 35 -4.33 5.41 -17.22
CA PHE B 35 -3.45 6.27 -16.44
C PHE B 35 -2.47 7.01 -17.36
N SER B 36 -2.19 6.42 -18.51
CA SER B 36 -1.35 7.08 -19.50
C SER B 36 -1.94 8.42 -19.96
N ARG B 37 -3.27 8.49 -20.06
CA ARG B 37 -3.96 9.74 -20.41
C ARG B 37 -3.94 10.75 -19.27
N ILE B 38 -4.03 10.24 -18.04
CA ILE B 38 -3.98 11.12 -16.89
C ILE B 38 -2.57 11.72 -16.81
N LEU B 39 -1.57 10.88 -17.02
CA LEU B 39 -0.18 11.36 -16.99
C LEU B 39 0.11 12.38 -18.09
N ASP B 40 -0.37 12.14 -19.32
CA ASP B 40 -0.03 13.09 -20.38
C ASP B 40 -1.03 14.25 -20.45
N LYS B 41 -1.97 14.26 -19.50
CA LYS B 41 -2.94 15.34 -19.32
C LYS B 41 -3.98 15.43 -20.45
N SER B 42 -4.16 14.37 -21.24
CA SER B 42 -5.25 14.37 -22.22
C SER B 42 -6.60 14.06 -21.57
N LEU B 43 -6.57 13.43 -20.40
CA LEU B 43 -7.78 13.23 -19.60
C LEU B 43 -7.70 14.06 -18.33
N PRO B 44 -8.55 15.09 -18.24
CA PRO B 44 -8.54 16.01 -17.09
C PRO B 44 -8.73 15.25 -15.79
N ALA B 45 -7.91 15.58 -14.79
CA ALA B 45 -8.03 14.94 -13.50
C ALA B 45 -7.82 15.97 -12.42
N ASP B 46 -8.36 15.69 -11.24
CA ASP B 46 -8.14 16.57 -10.10
C ASP B 46 -6.78 16.21 -9.50
N ILE B 47 -5.75 16.90 -9.95
CA ILE B 47 -4.38 16.58 -9.56
C ILE B 47 -4.01 17.26 -8.25
N LEU B 48 -3.53 16.46 -7.30
CA LEU B 48 -3.25 16.97 -5.97
C LEU B 48 -1.76 17.28 -5.81
N TYR B 49 -0.93 16.57 -6.55
CA TYR B 49 0.51 16.69 -6.43
C TYR B 49 1.17 16.07 -7.64
N GLU B 50 2.28 16.66 -8.06
CA GLU B 50 3.05 16.12 -9.16
C GLU B 50 4.52 16.48 -9.00
N ASP B 51 5.41 15.52 -9.24
CA ASP B 51 6.82 15.80 -9.47
C ASP B 51 7.31 14.86 -10.57
N GLN B 52 8.61 14.83 -10.82
CA GLN B 52 9.12 14.06 -11.95
C GLN B 52 8.95 12.55 -11.78
N GLN B 53 8.74 12.10 -10.54
CA GLN B 53 8.67 10.67 -10.25
C GLN B 53 7.24 10.14 -10.10
N CYS B 54 6.29 11.01 -9.79
CA CYS B 54 4.94 10.54 -9.49
C CYS B 54 3.88 11.60 -9.68
N LEU B 55 2.64 11.15 -9.63
CA LEU B 55 1.49 12.01 -9.84
C LEU B 55 0.38 11.54 -8.88
N VAL B 56 -0.33 12.48 -8.27
CA VAL B 56 -1.40 12.16 -7.34
C VAL B 56 -2.71 12.78 -7.83
N PHE B 57 -3.78 12.01 -7.88
CA PHE B 57 -5.05 12.56 -8.35
C PHE B 57 -6.22 11.83 -7.70
N ARG B 58 -7.37 12.52 -7.63
CA ARG B 58 -8.55 11.93 -7.01
C ARG B 58 -9.11 10.80 -7.83
N ASP B 59 -9.61 9.79 -7.14
CA ASP B 59 -10.25 8.63 -7.77
C ASP B 59 -11.65 9.05 -8.20
N VAL B 60 -12.03 8.73 -9.44
CA VAL B 60 -13.31 9.19 -9.94
C VAL B 60 -14.43 8.21 -9.60
N ALA B 61 -14.06 7.07 -9.02
CA ALA B 61 -15.06 6.17 -8.41
C ALA B 61 -14.79 6.00 -6.90
N PRO B 62 -14.90 7.10 -6.13
CA PRO B 62 -14.40 7.09 -4.75
C PRO B 62 -15.16 6.13 -3.84
N GLN B 63 -14.42 5.41 -3.01
CA GLN B 63 -15.00 4.47 -2.05
C GLN B 63 -14.98 5.05 -0.65
N ALA B 64 -14.56 6.30 -0.53
CA ALA B 64 -14.54 7.01 0.75
C ALA B 64 -14.69 8.49 0.47
N PRO B 65 -15.09 9.29 1.47
CA PRO B 65 -15.20 10.74 1.29
C PRO B 65 -13.93 11.38 0.71
N VAL B 66 -12.78 10.86 1.10
CA VAL B 66 -11.54 11.20 0.43
C VAL B 66 -10.98 9.92 -0.17
N HIS B 67 -10.68 9.94 -1.46
CA HIS B 67 -10.08 8.79 -2.11
C HIS B 67 -9.19 9.27 -3.25
N PHE B 68 -7.89 9.20 -3.05
CA PHE B 68 -7.01 9.58 -4.14
C PHE B 68 -6.01 8.49 -4.42
N LEU B 69 -5.32 8.62 -5.55
CA LEU B 69 -4.38 7.62 -6.03
C LEU B 69 -3.00 8.23 -6.18
N VAL B 70 -1.98 7.49 -5.76
CA VAL B 70 -0.60 7.90 -5.96
C VAL B 70 0.03 6.95 -6.96
N ILE B 71 0.50 7.47 -8.09
CA ILE B 71 1.07 6.59 -9.10
C ILE B 71 2.48 7.03 -9.49
N PRO B 72 3.36 6.07 -9.79
CA PRO B 72 4.67 6.40 -10.36
C PRO B 72 4.53 6.84 -11.80
N LYS B 73 5.43 7.68 -12.28
CA LYS B 73 5.44 8.02 -13.70
C LYS B 73 6.07 6.86 -14.49
N LYS B 74 7.02 6.16 -13.87
CA LYS B 74 7.52 4.90 -14.42
C LYS B 74 6.39 3.86 -14.45
N PRO B 75 6.11 3.30 -15.65
CA PRO B 75 4.92 2.45 -15.81
C PRO B 75 5.09 1.02 -15.27
N ILE B 76 5.46 0.86 -14.01
CA ILE B 76 5.38 -0.43 -13.35
C ILE B 76 3.93 -0.90 -13.34
N PRO B 77 3.66 -2.09 -13.89
CA PRO B 77 2.28 -2.57 -14.07
C PRO B 77 1.63 -3.01 -12.77
N ARG B 78 2.43 -3.55 -11.85
CA ARG B 78 1.92 -4.08 -10.59
C ARG B 78 3.06 -4.22 -9.59
N ILE B 79 2.72 -4.24 -8.31
CA ILE B 79 3.77 -4.26 -7.29
C ILE B 79 4.59 -5.55 -7.38
N SER B 80 4.00 -6.65 -7.85
CA SER B 80 4.76 -7.89 -7.96
C SER B 80 5.84 -7.81 -9.05
N GLN B 81 5.76 -6.79 -9.89
CA GLN B 81 6.76 -6.58 -10.93
C GLN B 81 7.71 -5.42 -10.61
N ALA B 82 7.61 -4.86 -9.41
CA ALA B 82 8.60 -3.89 -8.99
C ALA B 82 9.93 -4.61 -8.73
N GLU B 83 11.04 -3.88 -8.80
CA GLU B 83 12.35 -4.50 -8.60
C GLU B 83 13.20 -3.69 -7.63
N GLU B 84 14.35 -4.25 -7.28
CA GLU B 84 15.27 -3.60 -6.35
C GLU B 84 15.62 -2.16 -6.69
N GLU B 85 15.76 -1.84 -7.98
CA GLU B 85 16.12 -0.47 -8.34
C GLU B 85 14.95 0.49 -8.17
N ASP B 86 13.76 -0.06 -7.92
CA ASP B 86 12.57 0.76 -7.60
C ASP B 86 12.41 1.05 -6.10
N GLN B 87 13.39 0.64 -5.29
CA GLN B 87 13.25 0.80 -3.83
C GLN B 87 12.97 2.23 -3.42
N GLN B 88 13.80 3.14 -3.93
CA GLN B 88 13.68 4.53 -3.60
C GLN B 88 12.36 5.12 -4.08
N LEU B 89 11.97 4.77 -5.30
CA LEU B 89 10.70 5.23 -5.87
C LEU B 89 9.51 4.77 -5.01
N LEU B 90 9.52 3.49 -4.63
CA LEU B 90 8.45 2.95 -3.77
C LEU B 90 8.35 3.68 -2.43
N GLY B 91 9.50 3.95 -1.82
CA GLY B 91 9.51 4.73 -0.59
C GLY B 91 8.97 6.12 -0.80
N HIS B 92 9.31 6.71 -1.95
CA HIS B 92 8.86 8.05 -2.28
C HIS B 92 7.35 8.09 -2.45
N LEU B 93 6.80 7.06 -3.09
CA LEU B 93 5.35 6.96 -3.24
C LEU B 93 4.62 6.93 -1.88
N LEU B 94 5.18 6.20 -0.92
CA LEU B 94 4.59 6.17 0.41
C LEU B 94 4.67 7.51 1.13
N LEU B 95 5.80 8.20 1.02
CA LEU B 95 5.92 9.48 1.67
C LEU B 95 5.00 10.50 1.02
N VAL B 96 4.86 10.43 -0.30
CA VAL B 96 3.95 11.32 -1.00
C VAL B 96 2.51 11.03 -0.57
N ALA B 97 2.18 9.74 -0.46
CA ALA B 97 0.85 9.33 0.04
C ALA B 97 0.57 9.93 1.42
N LYS B 98 1.50 9.75 2.35
CA LYS B 98 1.28 10.30 3.66
C LYS B 98 1.25 11.84 3.70
N GLN B 99 2.12 12.51 2.95
CA GLN B 99 2.09 13.98 2.90
C GLN B 99 0.77 14.49 2.34
N THR B 100 0.30 13.87 1.28
CA THR B 100 -0.98 14.27 0.69
C THR B 100 -2.16 13.94 1.62
N ALA B 101 -2.08 12.84 2.35
CA ALA B 101 -3.11 12.52 3.36
C ALA B 101 -3.23 13.67 4.37
N LYS B 102 -2.09 14.20 4.80
CA LYS B 102 -2.07 15.33 5.70
C LYS B 102 -2.76 16.55 5.07
N ALA B 103 -2.39 16.86 3.83
CA ALA B 103 -2.95 18.02 3.14
C ALA B 103 -4.46 17.88 2.95
N GLU B 104 -4.96 16.66 2.90
CA GLU B 104 -6.39 16.43 2.72
C GLU B 104 -7.13 16.34 4.06
N GLY B 105 -6.41 16.51 5.15
CA GLY B 105 -7.02 16.55 6.47
C GLY B 105 -7.45 15.20 7.03
N LEU B 106 -6.68 14.16 6.72
CA LEU B 106 -7.00 12.83 7.19
C LEU B 106 -6.36 12.56 8.55
N GLY B 107 -6.42 13.55 9.44
CA GLY B 107 -5.79 13.47 10.74
C GLY B 107 -6.32 12.40 11.69
N ASP B 108 -7.58 12.01 11.52
CA ASP B 108 -8.14 10.98 12.40
C ASP B 108 -7.86 9.58 11.84
N GLY B 109 -7.17 9.52 10.72
CA GLY B 109 -6.70 8.25 10.19
C GLY B 109 -7.12 7.95 8.76
N TYR B 110 -6.52 6.91 8.19
CA TYR B 110 -6.79 6.56 6.80
C TYR B 110 -6.19 5.19 6.49
N ARG B 111 -6.44 4.70 5.28
CA ARG B 111 -5.90 3.42 4.83
C ARG B 111 -5.18 3.54 3.48
N LEU B 112 -4.04 2.88 3.36
CA LEU B 112 -3.33 2.76 2.08
C LEU B 112 -3.50 1.35 1.55
N VAL B 113 -3.82 1.25 0.26
CA VAL B 113 -4.07 -0.05 -0.36
C VAL B 113 -3.35 -0.18 -1.69
N ILE B 114 -2.64 -1.28 -1.87
CA ILE B 114 -2.10 -1.62 -3.18
C ILE B 114 -2.67 -2.98 -3.59
N ASN B 115 -3.26 -3.06 -4.78
CA ASN B 115 -3.83 -4.31 -5.27
C ASN B 115 -2.94 -4.91 -6.32
N ASP B 116 -2.66 -6.21 -6.19
CA ASP B 116 -1.91 -6.92 -7.22
C ASP B 116 -2.74 -8.04 -7.81
N GLY B 117 -2.91 -8.04 -9.13
CA GLY B 117 -3.53 -9.16 -9.81
C GLY B 117 -5.02 -9.38 -9.54
N LYS B 118 -5.52 -10.48 -10.06
CA LYS B 118 -6.95 -10.76 -10.01
C LYS B 118 -7.48 -10.91 -8.59
N LEU B 119 -6.79 -11.69 -7.77
CA LEU B 119 -7.27 -11.96 -6.41
C LEU B 119 -7.20 -10.69 -5.55
N GLY B 120 -6.27 -9.80 -5.89
CA GLY B 120 -6.17 -8.53 -5.19
C GLY B 120 -7.21 -7.55 -5.67
N ALA B 121 -7.97 -7.96 -6.69
CA ALA B 121 -8.94 -7.09 -7.39
C ALA B 121 -8.30 -5.91 -8.10
N GLN B 122 -7.09 -6.09 -8.62
CA GLN B 122 -6.47 -5.05 -9.42
C GLN B 122 -7.17 -4.98 -10.78
N SER B 123 -7.63 -3.79 -11.17
CA SER B 123 -8.34 -3.66 -12.44
C SER B 123 -7.60 -2.76 -13.43
N VAL B 124 -6.69 -1.93 -12.91
CA VAL B 124 -5.84 -1.12 -13.77
C VAL B 124 -4.39 -1.51 -13.57
N TYR B 125 -3.76 -2.00 -14.63
CA TYR B 125 -2.42 -2.54 -14.48
C TYR B 125 -1.33 -1.49 -14.71
N HIS B 126 -1.43 -0.44 -13.89
CA HIS B 126 -0.36 0.52 -13.65
C HIS B 126 -0.29 0.65 -12.13
N LEU B 127 0.88 0.44 -11.54
CA LEU B 127 1.00 0.49 -10.07
C LEU B 127 0.36 1.75 -9.48
N HIS B 128 -0.49 1.58 -8.48
CA HIS B 128 -1.01 2.74 -7.77
C HIS B 128 -1.40 2.39 -6.35
N ILE B 129 -1.16 3.37 -5.46
CA ILE B 129 -1.55 3.28 -4.08
C ILE B 129 -2.84 4.05 -3.89
N HIS B 130 -3.86 3.39 -3.35
CA HIS B 130 -5.10 4.04 -2.96
C HIS B 130 -4.91 4.70 -1.59
N VAL B 131 -5.41 5.91 -1.43
CA VAL B 131 -5.48 6.49 -0.10
C VAL B 131 -6.93 6.79 0.22
N LEU B 132 -7.46 6.15 1.25
CA LEU B 132 -8.87 6.29 1.62
C LEU B 132 -9.00 6.86 3.03
N GLY B 133 -9.85 7.87 3.19
CA GLY B 133 -10.06 8.50 4.48
C GLY B 133 -11.39 9.26 4.53
N GLY B 134 -11.67 9.88 5.67
CA GLY B 134 -12.91 10.63 5.82
C GLY B 134 -14.08 9.79 6.29
N ARG B 135 -13.89 8.49 6.44
CA ARG B 135 -14.87 7.62 7.07
C ARG B 135 -14.17 6.51 7.84
N GLN B 136 -14.92 5.79 8.67
CA GLN B 136 -14.37 4.61 9.33
C GLN B 136 -14.11 3.51 8.31
N LEU B 137 -12.88 3.03 8.22
CA LEU B 137 -12.59 1.90 7.38
C LEU B 137 -12.82 0.63 8.20
N GLN B 138 -13.40 -0.38 7.58
CA GLN B 138 -13.79 -1.59 8.28
C GLN B 138 -12.70 -2.66 8.20
N TRP B 139 -12.94 -3.79 8.85
CA TRP B 139 -12.02 -4.91 8.84
C TRP B 139 -12.86 -6.18 8.67
N PRO B 140 -12.45 -7.10 7.79
CA PRO B 140 -11.23 -7.13 6.98
C PRO B 140 -11.22 -6.08 5.85
N PRO B 141 -10.04 -5.82 5.27
CA PRO B 141 -9.99 -4.81 4.21
C PRO B 141 -10.38 -5.41 2.87
N GLY B 142 -11.63 -5.85 2.75
CA GLY B 142 -12.08 -6.55 1.57
C GLY B 142 -11.87 -8.05 1.75
#